data_1ZSN
#
_entry.id   1ZSN
#
_cell.length_a   131.035
_cell.length_b   131.035
_cell.length_c   82.946
_cell.angle_alpha   90.00
_cell.angle_beta   90.00
_cell.angle_gamma   90.00
#
_symmetry.space_group_name_H-M   'P 43 21 2'
#
loop_
_entity.id
_entity.type
_entity.pdbx_description
1 polymer 'enoyl-acyl carrier reductase'
2 non-polymer NICOTINAMIDE-ADENINE-DINUCLEOTIDE
3 non-polymer 5-CHLORO-2-(2-CHLORO-4-NITROPHENOXY)PHENOL
#
_entity_poly.entity_id   1
_entity_poly.type   'polypeptide(L)'
_entity_poly.pdbx_seq_one_letter_code
;EDICFIAGIGDTNGYGWGIAKELSKRNVKIIFGIWPPVYNIFMKNYKNGKFDNDMIIDKDKKMNILDMLPFDASFDTAND
IDEETKNNKRYNMLQNYTIEDVANLIHQKYGKINMLVHSLANAKEVQKDLLNTSRKGYLDALSKSSYSLISLCKYFVNIM
KPQSSIISLTYHASQKVVPGYGGGMSSAKAALESDTRVLAYHLGRNYNIRINTISAGPLKSRAATAINKLNNTYENNTNQ
NKNRNSHDVHNIMNNSGEKEEKKNSASQNYTFIDYAIEYSEKYAPLRQKLLSTDIGSVASFLLSRESRAITGQTIYVDNG
LNIMFLPDDIYRNENE
;
_entity_poly.pdbx_strand_id   A,B
#
# COMPACT_ATOMS: atom_id res chain seq x y z
N GLU A 1 18.60 15.05 -2.86
CA GLU A 1 19.57 14.49 -1.87
C GLU A 1 18.91 13.57 -0.85
N ASP A 2 18.43 12.42 -1.32
CA ASP A 2 17.99 11.32 -0.45
C ASP A 2 18.96 10.15 -0.61
N ILE A 3 19.27 9.48 0.51
CA ILE A 3 20.14 8.30 0.48
C ILE A 3 19.39 7.12 1.02
N CYS A 4 19.41 6.03 0.27
CA CYS A 4 18.84 4.77 0.70
C CYS A 4 19.91 3.68 0.87
N PHE A 5 19.91 3.02 2.02
CA PHE A 5 20.81 1.90 2.22
C PHE A 5 20.04 0.62 1.97
N ILE A 6 20.58 -0.28 1.17
CA ILE A 6 19.91 -1.56 0.95
C ILE A 6 20.74 -2.70 1.51
N ALA A 7 20.17 -3.41 2.49
CA ALA A 7 20.84 -4.53 3.12
C ALA A 7 20.41 -5.86 2.47
N GLY A 8 21.32 -6.43 1.69
CA GLY A 8 21.12 -7.76 1.13
C GLY A 8 20.90 -7.72 -0.37
N ILE A 9 21.90 -8.18 -1.10
CA ILE A 9 21.91 -8.15 -2.55
C ILE A 9 23.26 -8.74 -2.99
N GLY A 10 23.23 -9.75 -3.87
CA GLY A 10 24.44 -10.36 -4.40
C GLY A 10 24.51 -10.33 -5.92
N ASP A 11 23.50 -9.74 -6.56
CA ASP A 11 23.40 -9.73 -8.02
C ASP A 11 22.29 -8.80 -8.45
N THR A 12 21.95 -8.85 -9.73
CA THR A 12 20.89 -8.00 -10.27
C THR A 12 19.53 -8.72 -10.35
N ASN A 13 19.55 -10.04 -10.22
CA ASN A 13 18.34 -10.84 -10.37
C ASN A 13 17.48 -10.93 -9.11
N GLY A 14 17.79 -10.13 -8.09
CA GLY A 14 17.00 -10.12 -6.86
C GLY A 14 16.06 -8.95 -6.66
N TYR A 15 15.39 -8.93 -5.51
CA TYR A 15 14.46 -7.86 -5.15
C TYR A 15 15.12 -6.54 -4.79
N GLY A 16 16.15 -6.59 -3.95
CA GLY A 16 16.94 -5.40 -3.64
C GLY A 16 17.31 -4.58 -4.88
N TRP A 17 17.76 -5.27 -5.92
CA TRP A 17 18.08 -4.62 -7.19
C TRP A 17 16.83 -4.04 -7.85
N GLY A 18 15.71 -4.75 -7.78
CA GLY A 18 14.45 -4.19 -8.24
C GLY A 18 14.16 -2.88 -7.53
N ILE A 19 14.38 -2.86 -6.21
CA ILE A 19 14.14 -1.68 -5.39
C ILE A 19 15.07 -0.52 -5.78
N ALA A 20 16.34 -0.83 -6.06
CA ALA A 20 17.35 0.20 -6.33
C ALA A 20 17.09 0.87 -7.67
N LYS A 21 16.75 0.08 -8.68
CA LYS A 21 16.41 0.64 -9.98
C LYS A 21 15.33 1.71 -9.85
N GLU A 22 14.22 1.34 -9.20
CA GLU A 22 13.02 2.16 -9.10
C GLU A 22 13.19 3.43 -8.27
N LEU A 23 14.09 3.37 -7.29
CA LEU A 23 14.39 4.54 -6.48
C LEU A 23 15.24 5.50 -7.28
N SER A 24 16.08 4.96 -8.16
CA SER A 24 16.97 5.76 -8.99
C SER A 24 16.17 6.63 -9.92
N LYS A 25 14.99 6.14 -10.33
CA LYS A 25 13.96 6.95 -11.04
C LYS A 25 13.63 8.26 -10.29
N ARG A 26 13.66 8.21 -8.96
CA ARG A 26 13.35 9.35 -8.07
C ARG A 26 14.63 10.05 -7.64
N ASN A 27 15.74 9.73 -8.31
CA ASN A 27 17.04 10.31 -8.00
C ASN A 27 17.50 10.13 -6.56
N VAL A 28 17.30 8.92 -6.06
CA VAL A 28 17.65 8.53 -4.72
C VAL A 28 19.01 7.84 -4.76
N LYS A 29 19.94 8.29 -3.93
CA LYS A 29 21.27 7.68 -3.81
C LYS A 29 21.17 6.29 -3.17
N ILE A 30 21.89 5.33 -3.74
CA ILE A 30 21.83 3.94 -3.27
C ILE A 30 23.18 3.50 -2.67
N ILE A 31 23.18 3.08 -1.41
CA ILE A 31 24.30 2.36 -0.82
C ILE A 31 23.91 0.89 -0.71
N PHE A 32 24.70 -0.02 -1.28
CA PHE A 32 24.45 -1.47 -1.12
C PHE A 32 25.16 -2.10 0.09
N GLY A 33 24.44 -2.96 0.82
CA GLY A 33 25.03 -3.79 1.87
C GLY A 33 25.08 -5.23 1.40
N ILE A 34 26.29 -5.78 1.23
CA ILE A 34 26.49 -7.07 0.61
C ILE A 34 27.09 -8.03 1.63
N TRP A 35 26.52 -9.24 1.67
CA TRP A 35 27.01 -10.35 2.48
C TRP A 35 28.48 -10.53 2.14
N PRO A 36 29.34 -10.45 3.16
CA PRO A 36 30.78 -10.54 2.90
C PRO A 36 31.18 -11.68 1.93
N PRO A 37 30.74 -12.93 2.19
CA PRO A 37 31.10 -14.02 1.28
C PRO A 37 30.94 -13.78 -0.23
N VAL A 38 29.91 -13.04 -0.63
CA VAL A 38 29.74 -12.73 -2.05
C VAL A 38 30.16 -11.30 -2.38
N TYR A 39 30.61 -10.55 -1.38
CA TYR A 39 30.98 -9.15 -1.59
C TYR A 39 32.05 -8.97 -2.65
N ASN A 40 33.09 -9.81 -2.61
CA ASN A 40 34.18 -9.67 -3.58
C ASN A 40 33.79 -10.09 -4.98
N ILE A 41 33.02 -11.17 -5.10
CA ILE A 41 32.62 -11.65 -6.42
C ILE A 41 31.65 -10.64 -7.05
N PHE A 42 30.84 -9.98 -6.22
CA PHE A 42 29.92 -8.95 -6.68
C PHE A 42 30.70 -7.71 -7.16
N MET A 43 31.72 -7.33 -6.40
CA MET A 43 32.58 -6.22 -6.77
C MET A 43 33.23 -6.39 -8.13
N LYS A 44 33.74 -7.60 -8.35
CA LYS A 44 34.40 -8.01 -9.59
C LYS A 44 33.45 -7.91 -10.78
N ASN A 45 32.29 -8.54 -10.69
CA ASN A 45 31.30 -8.45 -11.74
C ASN A 45 30.97 -7.01 -12.06
N TYR A 46 30.79 -6.22 -11.01
CA TYR A 46 30.45 -4.82 -11.17
C TYR A 46 31.52 -4.14 -12.00
N LYS A 47 32.75 -4.32 -11.54
CA LYS A 47 33.95 -3.78 -12.16
C LYS A 47 34.13 -4.27 -13.59
N ASN A 48 33.73 -5.51 -13.87
CA ASN A 48 33.91 -6.12 -15.17
C ASN A 48 32.82 -5.80 -16.19
N GLY A 49 31.83 -5.01 -15.77
CA GLY A 49 30.82 -4.48 -16.68
C GLY A 49 29.57 -5.33 -16.84
N LYS A 50 29.41 -6.29 -15.93
CA LYS A 50 28.29 -7.23 -15.98
C LYS A 50 26.94 -6.62 -15.58
N PHE A 51 26.97 -5.47 -14.93
CA PHE A 51 25.75 -4.85 -14.43
C PHE A 51 25.36 -3.58 -15.19
N ASP A 52 26.22 -3.15 -16.09
CA ASP A 52 25.99 -1.94 -16.86
C ASP A 52 24.66 -1.95 -17.58
N ASN A 53 24.30 -3.11 -18.12
CA ASN A 53 23.00 -3.30 -18.77
C ASN A 53 21.86 -3.13 -17.78
N ASP A 54 21.98 -3.79 -16.63
CA ASP A 54 20.97 -3.77 -15.59
C ASP A 54 20.86 -2.42 -14.89
N MET A 55 21.87 -1.57 -15.06
CA MET A 55 21.95 -0.29 -14.34
C MET A 55 21.26 0.86 -15.06
N ILE A 56 20.83 0.60 -16.29
CA ILE A 56 20.15 1.62 -17.09
C ILE A 56 18.74 1.82 -16.58
N ILE A 57 18.43 3.03 -16.17
CA ILE A 57 17.08 3.35 -15.75
C ILE A 57 16.26 3.78 -16.95
N ASP A 58 16.86 4.62 -17.81
CA ASP A 58 16.32 4.91 -19.15
C ASP A 58 17.16 5.94 -19.92
N LYS A 59 16.69 6.32 -21.12
CA LYS A 59 17.38 7.26 -22.03
C LYS A 59 18.19 8.34 -21.31
N ASP A 60 19.49 8.10 -21.29
CA ASP A 60 20.50 8.95 -20.64
C ASP A 60 20.29 9.23 -19.12
N LYS A 61 19.93 8.19 -18.38
CA LYS A 61 20.29 8.10 -16.96
C LYS A 61 20.46 6.66 -16.49
N LYS A 62 21.54 6.43 -15.75
CA LYS A 62 21.86 5.12 -15.20
C LYS A 62 21.67 5.13 -13.69
N MET A 63 22.03 4.03 -13.04
CA MET A 63 21.90 3.90 -11.59
C MET A 63 23.02 4.62 -10.86
N ASN A 64 22.64 5.45 -9.90
CA ASN A 64 23.60 6.20 -9.08
C ASN A 64 23.95 5.41 -7.81
N ILE A 65 24.97 4.56 -7.89
CA ILE A 65 25.42 3.80 -6.73
C ILE A 65 26.47 4.61 -5.99
N LEU A 66 26.04 5.19 -4.87
CA LEU A 66 26.93 5.98 -4.03
C LEU A 66 28.09 5.15 -3.44
N ASP A 67 27.82 3.91 -3.02
CA ASP A 67 28.84 3.05 -2.44
C ASP A 67 28.32 1.65 -2.28
N MET A 68 29.23 0.73 -1.97
CA MET A 68 28.92 -0.67 -1.85
C MET A 68 29.74 -1.22 -0.72
N LEU A 69 29.09 -1.75 0.30
CA LEU A 69 29.80 -2.14 1.49
C LEU A 69 29.51 -3.58 1.89
N PRO A 70 30.51 -4.29 2.43
CA PRO A 70 30.23 -5.55 3.10
C PRO A 70 29.36 -5.30 4.33
N PHE A 71 28.41 -6.19 4.55
CA PHE A 71 27.42 -6.05 5.59
C PHE A 71 26.97 -7.45 5.90
N ASP A 72 27.03 -7.79 7.19
CA ASP A 72 26.57 -9.11 7.63
C ASP A 72 25.55 -9.04 8.76
N ALA A 73 24.33 -9.45 8.45
CA ALA A 73 23.17 -9.33 9.34
C ALA A 73 23.21 -10.21 10.60
N SER A 74 24.25 -11.04 10.72
CA SER A 74 24.41 -11.97 11.84
C SER A 74 25.01 -11.29 13.06
N PHE A 75 25.81 -10.23 12.80
CA PHE A 75 26.64 -9.54 13.77
C PHE A 75 26.28 -8.07 13.93
N ASP A 76 25.90 -7.72 15.17
CA ASP A 76 25.43 -6.40 15.50
C ASP A 76 26.60 -5.45 15.57
N THR A 77 27.65 -5.89 16.27
CA THR A 77 28.80 -5.05 16.57
C THR A 77 30.09 -5.81 16.37
N ALA A 78 31.21 -5.11 16.56
CA ALA A 78 32.52 -5.71 16.52
C ALA A 78 32.65 -6.95 17.42
N ASN A 79 32.25 -6.83 18.70
CA ASN A 79 32.36 -7.92 19.69
C ASN A 79 31.69 -9.18 19.22
N ASP A 80 30.70 -9.05 18.35
CA ASP A 80 29.91 -10.20 17.93
C ASP A 80 30.62 -11.15 16.96
N ILE A 81 31.70 -10.69 16.35
CA ILE A 81 32.45 -11.50 15.38
C ILE A 81 33.26 -12.62 16.05
N ASP A 82 33.00 -13.87 15.63
CA ASP A 82 33.64 -15.03 16.24
C ASP A 82 34.91 -15.49 15.50
N GLU A 83 35.85 -16.05 16.27
CA GLU A 83 37.16 -16.52 15.79
C GLU A 83 37.14 -17.18 14.38
N GLU A 84 36.25 -18.16 14.19
CA GLU A 84 36.20 -18.93 12.93
C GLU A 84 36.00 -18.04 11.70
N THR A 85 35.24 -16.95 11.86
CA THR A 85 34.97 -16.01 10.76
C THR A 85 35.99 -14.87 10.67
N LYS A 86 36.66 -14.54 11.77
CA LYS A 86 37.85 -13.67 11.72
C LYS A 86 38.92 -14.38 10.85
N ASN A 87 39.11 -15.68 11.14
CA ASN A 87 39.86 -16.63 10.31
C ASN A 87 39.37 -16.69 8.87
N ASN A 88 38.10 -17.08 8.74
CA ASN A 88 37.48 -17.38 7.45
C ASN A 88 38.02 -16.56 6.27
N LYS A 89 38.49 -17.28 5.26
CA LYS A 89 39.06 -16.72 4.03
C LYS A 89 38.30 -15.53 3.48
N ARG A 90 37.01 -15.71 3.18
CA ARG A 90 36.17 -14.65 2.58
C ARG A 90 36.02 -13.43 3.50
N TYR A 91 36.00 -13.66 4.81
CA TYR A 91 35.81 -12.61 5.80
C TYR A 91 37.04 -11.81 6.20
N ASN A 92 38.22 -12.44 6.16
CA ASN A 92 39.43 -11.82 6.72
C ASN A 92 39.94 -10.59 5.98
N MET A 93 39.70 -10.54 4.67
CA MET A 93 40.17 -9.43 3.87
C MET A 93 39.24 -8.23 3.93
N LEU A 94 38.33 -8.25 4.90
CA LEU A 94 37.31 -7.21 5.03
C LEU A 94 37.13 -6.77 6.48
N GLN A 95 36.54 -5.59 6.66
CA GLN A 95 36.34 -5.03 7.98
C GLN A 95 35.10 -4.13 8.02
N ASN A 96 34.68 -3.80 9.25
CA ASN A 96 33.54 -2.93 9.49
C ASN A 96 32.32 -3.34 8.69
N TYR A 97 31.95 -4.61 8.85
CA TYR A 97 30.82 -5.16 8.13
C TYR A 97 29.71 -5.63 9.06
N THR A 98 29.77 -5.26 10.33
CA THR A 98 28.68 -5.57 11.26
C THR A 98 27.63 -4.48 11.13
N ILE A 99 26.41 -4.75 11.62
CA ILE A 99 25.32 -3.76 11.53
C ILE A 99 25.76 -2.39 12.09
N GLU A 100 26.22 -2.37 13.33
CA GLU A 100 26.70 -1.13 13.91
C GLU A 100 27.93 -0.55 13.16
N ASP A 101 28.69 -1.40 12.50
CA ASP A 101 29.85 -0.91 11.75
C ASP A 101 29.53 -0.27 10.42
N VAL A 102 28.55 -0.81 9.70
CA VAL A 102 28.21 -0.20 8.43
C VAL A 102 27.39 1.07 8.69
N ALA A 103 26.66 1.09 9.81
CA ALA A 103 25.93 2.28 10.25
C ALA A 103 26.87 3.47 10.48
N ASN A 104 27.93 3.28 11.25
CA ASN A 104 28.88 4.36 11.50
C ASN A 104 29.58 4.78 10.22
N LEU A 105 29.93 3.83 9.36
CA LEU A 105 30.63 4.06 8.09
C LEU A 105 29.90 4.99 7.13
N ILE A 106 28.76 4.51 6.64
CA ILE A 106 27.79 5.29 5.90
C ILE A 106 27.72 6.69 6.49
N HIS A 107 27.41 6.77 7.78
CA HIS A 107 27.25 8.05 8.46
C HIS A 107 28.51 8.91 8.53
N GLN A 108 29.68 8.28 8.51
CA GLN A 108 30.92 9.01 8.62
C GLN A 108 31.18 9.74 7.34
N LYS A 109 30.82 9.11 6.23
CA LYS A 109 31.21 9.58 4.90
C LYS A 109 30.17 10.46 4.28
N TYR A 110 28.90 10.14 4.52
CA TYR A 110 27.80 10.77 3.78
C TYR A 110 26.72 11.37 4.66
N GLY A 111 26.90 11.29 5.97
CA GLY A 111 25.96 11.90 6.90
C GLY A 111 24.70 11.11 7.18
N LYS A 112 23.60 11.80 7.42
CA LYS A 112 22.34 11.16 7.73
C LYS A 112 21.70 10.65 6.46
N ILE A 113 21.09 9.47 6.53
CA ILE A 113 20.28 8.92 5.43
C ILE A 113 18.80 9.01 5.78
N ASN A 114 17.93 8.63 4.85
CA ASN A 114 16.50 8.73 5.16
C ASN A 114 15.59 7.63 4.60
N MET A 115 16.20 6.61 4.00
CA MET A 115 15.46 5.45 3.50
C MET A 115 16.30 4.24 3.77
N LEU A 116 15.68 3.22 4.32
CA LEU A 116 16.36 2.02 4.73
C LEU A 116 15.61 0.81 4.17
N VAL A 117 16.35 -0.20 3.71
CA VAL A 117 15.74 -1.39 3.12
C VAL A 117 16.38 -2.62 3.71
N HIS A 118 15.55 -3.48 4.28
CA HIS A 118 15.97 -4.81 4.68
C HIS A 118 15.41 -5.79 3.66
N SER A 119 16.29 -6.34 2.83
CA SER A 119 15.90 -7.24 1.75
C SER A 119 16.75 -8.51 1.77
N LEU A 120 16.75 -9.19 2.91
CA LEU A 120 17.61 -10.35 3.09
C LEU A 120 16.98 -11.43 3.92
N ALA A 121 17.37 -12.68 3.64
CA ALA A 121 16.98 -13.83 4.45
C ALA A 121 18.04 -14.92 4.39
N ASN A 122 18.10 -15.70 5.47
CA ASN A 122 18.89 -16.91 5.51
C ASN A 122 18.26 -17.94 6.45
N ALA A 123 18.22 -19.18 5.98
CA ALA A 123 17.71 -20.27 6.73
C ALA A 123 18.55 -21.51 6.38
N LYS A 124 19.63 -21.70 7.13
CA LYS A 124 20.50 -22.88 6.97
C LYS A 124 19.76 -24.18 6.67
N GLU A 125 18.61 -24.41 7.31
CA GLU A 125 17.88 -25.66 7.15
C GLU A 125 16.56 -25.52 6.37
N VAL A 126 16.46 -24.51 5.52
CA VAL A 126 15.27 -24.34 4.68
C VAL A 126 14.79 -25.66 4.06
N GLN A 127 15.75 -26.50 3.66
CA GLN A 127 15.50 -27.79 3.01
C GLN A 127 14.61 -28.74 3.83
N LYS A 128 14.80 -28.73 5.14
CA LYS A 128 14.01 -29.56 6.03
C LYS A 128 12.64 -28.92 6.21
N ASP A 129 11.71 -29.62 6.83
CA ASP A 129 10.42 -29.03 7.09
C ASP A 129 10.29 -28.74 8.59
N LEU A 130 9.39 -27.84 8.98
CA LEU A 130 9.43 -27.20 10.30
C LEU A 130 9.62 -28.23 11.41
N LEU A 131 8.83 -29.31 11.36
CA LEU A 131 8.92 -30.40 12.34
C LEU A 131 10.32 -31.05 12.41
N ASN A 132 11.01 -31.19 11.28
CA ASN A 132 12.35 -31.77 11.30
C ASN A 132 13.45 -30.74 11.39
N THR A 133 13.09 -29.48 11.59
CA THR A 133 14.06 -28.41 11.73
C THR A 133 14.64 -28.39 13.13
N SER A 134 15.95 -28.20 13.25
CA SER A 134 16.62 -28.18 14.54
C SER A 134 16.62 -26.80 15.21
N ARG A 135 16.82 -26.79 16.53
CA ARG A 135 16.87 -25.55 17.30
C ARG A 135 17.94 -24.62 16.79
N LYS A 136 19.12 -25.16 16.54
CA LYS A 136 20.24 -24.37 16.04
C LYS A 136 19.85 -23.76 14.69
N GLY A 137 19.23 -24.58 13.86
CA GLY A 137 18.82 -24.16 12.51
C GLY A 137 17.74 -23.11 12.50
N TYR A 138 16.62 -23.44 13.14
CA TYR A 138 15.51 -22.52 13.37
C TYR A 138 15.93 -21.12 13.84
N LEU A 139 16.71 -21.05 14.92
CA LEU A 139 17.12 -19.77 15.51
C LEU A 139 18.07 -18.99 14.62
N ASP A 140 18.91 -19.71 13.87
CA ASP A 140 19.81 -19.08 12.91
C ASP A 140 18.94 -18.38 11.89
N ALA A 141 17.81 -18.99 11.57
CA ALA A 141 16.87 -18.44 10.59
C ALA A 141 16.19 -17.22 11.16
N LEU A 142 15.79 -17.28 12.44
CA LEU A 142 15.19 -16.12 13.09
C LEU A 142 16.18 -14.99 13.29
N SER A 143 17.43 -15.35 13.61
CA SER A 143 18.51 -14.40 13.79
C SER A 143 18.84 -13.63 12.54
N LYS A 144 19.13 -14.34 11.47
CA LYS A 144 19.48 -13.67 10.23
C LYS A 144 18.28 -13.06 9.50
N SER A 145 17.11 -13.68 9.60
CA SER A 145 15.99 -13.21 8.79
C SER A 145 14.97 -12.28 9.48
N SER A 146 14.94 -12.29 10.81
CA SER A 146 13.93 -11.52 11.57
C SER A 146 14.55 -10.48 12.48
N TYR A 147 15.55 -10.90 13.27
CA TYR A 147 16.12 -10.02 14.27
C TYR A 147 17.00 -8.99 13.60
N SER A 148 17.64 -9.39 12.52
CA SER A 148 18.44 -8.46 11.71
C SER A 148 17.68 -7.19 11.30
N LEU A 149 16.35 -7.27 11.21
CA LEU A 149 15.60 -6.07 10.94
C LEU A 149 15.60 -5.14 12.17
N ILE A 150 15.34 -5.71 13.35
CA ILE A 150 15.33 -4.91 14.57
C ILE A 150 16.70 -4.26 14.82
N SER A 151 17.75 -5.04 14.63
CA SER A 151 19.11 -4.59 14.87
C SER A 151 19.49 -3.50 13.87
N LEU A 152 19.05 -3.67 12.62
CA LEU A 152 19.24 -2.66 11.58
C LEU A 152 18.57 -1.36 12.04
N CYS A 153 17.32 -1.44 12.47
CA CYS A 153 16.56 -0.27 12.91
C CYS A 153 17.22 0.48 14.06
N LYS A 154 17.75 -0.28 15.01
CA LYS A 154 18.32 0.27 16.23
C LYS A 154 19.59 1.01 15.92
N TYR A 155 20.49 0.36 15.19
CA TYR A 155 21.77 0.98 14.89
C TYR A 155 21.68 2.08 13.83
N PHE A 156 20.70 1.98 12.94
CA PHE A 156 20.51 2.96 11.86
C PHE A 156 19.59 4.11 12.18
N VAL A 157 18.86 4.02 13.27
CA VAL A 157 17.91 5.07 13.61
C VAL A 157 18.61 6.42 13.87
N ASN A 158 19.63 6.43 14.73
CA ASN A 158 20.42 7.64 15.01
C ASN A 158 20.89 8.34 13.74
N ILE A 159 21.38 7.58 12.78
CA ILE A 159 21.86 8.16 11.53
C ILE A 159 20.75 8.45 10.49
N MET A 160 19.50 8.51 10.93
CA MET A 160 18.42 8.82 10.00
C MET A 160 17.63 10.03 10.41
N LYS A 161 17.11 10.75 9.41
CA LYS A 161 16.33 11.96 9.62
C LYS A 161 14.91 11.64 10.14
N PRO A 162 14.33 12.54 10.95
CA PRO A 162 12.92 12.26 11.23
C PRO A 162 12.13 12.29 9.93
N GLN A 163 11.02 11.56 9.90
CA GLN A 163 10.15 11.39 8.72
C GLN A 163 10.76 10.44 7.68
N SER A 164 11.78 9.71 8.11
CA SER A 164 12.39 8.65 7.32
C SER A 164 11.48 7.46 7.24
N SER A 165 11.91 6.48 6.45
CA SER A 165 11.10 5.32 6.19
C SER A 165 11.97 4.09 5.98
N ILE A 166 11.50 2.97 6.50
CA ILE A 166 12.19 1.68 6.48
C ILE A 166 11.23 0.63 5.88
N ILE A 167 11.73 -0.25 5.02
CA ILE A 167 10.99 -1.44 4.59
C ILE A 167 11.73 -2.76 4.70
N SER A 168 10.93 -3.81 4.75
CA SER A 168 11.34 -5.19 4.85
C SER A 168 10.53 -5.90 3.80
N LEU A 169 10.96 -7.10 3.42
CA LEU A 169 10.27 -7.92 2.44
C LEU A 169 9.83 -9.21 3.10
N THR A 170 8.55 -9.53 3.01
CA THR A 170 8.04 -10.69 3.72
C THR A 170 7.44 -11.69 2.72
N TYR A 171 6.75 -12.72 3.23
CA TYR A 171 6.14 -13.71 2.37
C TYR A 171 4.94 -14.49 3.03
N HIS A 172 3.90 -14.72 2.22
CA HIS A 172 2.60 -15.24 2.68
C HIS A 172 2.67 -16.55 3.43
N ALA A 173 3.85 -17.17 3.44
CA ALA A 173 4.05 -18.45 4.08
C ALA A 173 3.86 -18.33 5.58
N SER A 174 3.79 -17.09 6.06
CA SER A 174 3.70 -16.75 7.47
C SER A 174 2.25 -16.78 7.92
N GLN A 175 1.38 -16.35 6.99
CA GLN A 175 -0.07 -16.30 7.22
C GLN A 175 -0.78 -17.62 6.87
N LYS A 176 -0.58 -18.08 5.65
CA LYS A 176 -1.13 -19.35 5.19
C LYS A 176 0.04 -20.29 4.90
N VAL A 177 -0.12 -21.58 5.15
CA VAL A 177 1.05 -22.49 5.08
C VAL A 177 1.49 -22.78 3.64
N VAL A 178 2.79 -22.62 3.39
CA VAL A 178 3.35 -23.12 2.13
C VAL A 178 4.41 -24.20 2.32
N PRO A 179 4.02 -25.46 2.05
CA PRO A 179 4.90 -26.61 2.16
C PRO A 179 6.13 -26.42 1.26
N GLY A 180 7.32 -26.67 1.83
CA GLY A 180 8.58 -26.58 1.09
C GLY A 180 9.39 -25.42 1.59
N TYR A 181 8.69 -24.39 2.04
CA TYR A 181 9.26 -23.16 2.59
C TYR A 181 9.53 -23.39 4.05
N GLY A 182 10.61 -24.12 4.33
CA GLY A 182 10.83 -24.65 5.67
C GLY A 182 12.02 -24.09 6.43
N GLY A 183 12.46 -24.88 7.41
CA GLY A 183 13.63 -24.55 8.20
C GLY A 183 13.52 -23.29 9.05
N GLY A 184 12.33 -22.76 9.21
CA GLY A 184 12.19 -21.57 10.01
C GLY A 184 11.71 -20.38 9.25
N MET A 185 11.89 -20.38 7.93
CA MET A 185 11.51 -19.25 7.09
C MET A 185 10.09 -18.72 7.31
N SER A 186 9.11 -19.60 7.44
CA SER A 186 7.75 -19.16 7.72
C SER A 186 7.73 -18.43 9.07
N SER A 187 8.20 -19.11 10.12
CA SER A 187 8.29 -18.52 11.46
C SER A 187 9.01 -17.17 11.46
N ALA A 188 10.04 -17.10 10.61
CA ALA A 188 10.87 -15.95 10.52
C ALA A 188 10.02 -14.81 9.97
N LYS A 189 9.35 -15.06 8.86
CA LYS A 189 8.51 -14.02 8.25
C LYS A 189 7.30 -13.69 9.15
N ALA A 190 6.81 -14.72 9.83
CA ALA A 190 5.75 -14.56 10.81
C ALA A 190 6.16 -13.56 11.86
N ALA A 191 7.42 -13.64 12.30
CA ALA A 191 7.93 -12.70 13.29
C ALA A 191 8.27 -11.34 12.66
N LEU A 192 8.83 -11.34 11.45
CA LEU A 192 9.16 -10.09 10.76
C LEU A 192 7.92 -9.23 10.65
N GLU A 193 6.78 -9.88 10.42
CA GLU A 193 5.56 -9.16 10.16
C GLU A 193 5.03 -8.49 11.41
N SER A 194 5.11 -9.19 12.55
CA SER A 194 4.69 -8.64 13.83
C SER A 194 5.68 -7.58 14.37
N ASP A 195 6.97 -7.87 14.25
CA ASP A 195 7.96 -6.89 14.64
C ASP A 195 7.69 -5.59 13.89
N THR A 196 7.42 -5.69 12.58
CA THR A 196 7.05 -4.52 11.76
C THR A 196 6.02 -3.62 12.47
N ARG A 197 4.99 -4.24 13.05
CA ARG A 197 4.01 -3.49 13.84
C ARG A 197 4.63 -2.91 15.12
N VAL A 198 5.25 -3.75 15.94
CA VAL A 198 5.82 -3.28 17.21
C VAL A 198 6.82 -2.12 16.97
N LEU A 199 7.78 -2.32 16.08
CA LEU A 199 8.74 -1.27 15.73
C LEU A 199 8.00 -0.07 15.17
N ALA A 200 6.99 -0.31 14.33
CA ALA A 200 6.19 0.78 13.77
C ALA A 200 5.68 1.74 14.86
N TYR A 201 5.46 1.21 16.07
CA TYR A 201 4.98 1.98 17.18
C TYR A 201 6.11 2.71 17.87
N HIS A 202 7.17 2.00 18.25
CA HIS A 202 8.36 2.64 18.87
C HIS A 202 8.99 3.74 17.99
N LEU A 203 9.39 3.37 16.78
CA LEU A 203 9.87 4.33 15.81
C LEU A 203 8.81 5.43 15.61
N GLY A 204 7.57 5.02 15.41
CA GLY A 204 6.49 5.96 15.16
C GLY A 204 6.43 7.03 16.23
N ARG A 205 6.32 6.60 17.48
CA ARG A 205 6.14 7.54 18.59
C ARG A 205 7.39 8.31 18.97
N ASN A 206 8.55 7.65 18.93
CA ASN A 206 9.77 8.25 19.42
C ASN A 206 10.55 9.06 18.40
N TYR A 207 10.71 8.54 17.20
CA TYR A 207 11.56 9.23 16.22
C TYR A 207 10.82 9.75 14.99
N ASN A 208 9.50 9.61 15.00
CA ASN A 208 8.67 9.98 13.88
C ASN A 208 9.08 9.27 12.59
N ILE A 209 9.59 8.05 12.74
CA ILE A 209 9.95 7.25 11.60
C ILE A 209 8.91 6.15 11.40
N ARG A 210 8.79 5.73 10.14
CA ARG A 210 7.77 4.78 9.70
C ARG A 210 8.43 3.50 9.25
N ILE A 211 7.73 2.37 9.40
CA ILE A 211 8.29 1.10 8.99
C ILE A 211 7.15 0.23 8.49
N ASN A 212 7.34 -0.39 7.31
CA ASN A 212 6.34 -1.28 6.71
C ASN A 212 7.06 -2.48 6.10
N THR A 213 6.31 -3.48 5.65
CA THR A 213 6.91 -4.67 5.03
C THR A 213 6.15 -5.04 3.77
N ILE A 214 6.84 -5.63 2.80
CA ILE A 214 6.22 -5.87 1.51
C ILE A 214 6.12 -7.36 1.29
N SER A 215 4.91 -7.86 1.17
CA SER A 215 4.68 -9.27 0.96
C SER A 215 4.77 -9.50 -0.54
N ALA A 216 5.95 -9.93 -1.00
CA ALA A 216 6.18 -10.08 -2.42
C ALA A 216 5.79 -11.45 -2.86
N GLY A 217 5.32 -11.54 -4.10
CA GLY A 217 5.06 -12.83 -4.73
C GLY A 217 6.36 -13.41 -5.24
N PRO A 218 6.31 -14.43 -6.10
CA PRO A 218 7.57 -15.11 -6.34
C PRO A 218 8.42 -14.44 -7.43
N LEU A 219 9.73 -14.47 -7.19
CA LEU A 219 10.71 -14.02 -8.15
C LEU A 219 11.87 -15.00 -8.21
N LYS A 220 12.30 -15.32 -9.42
CA LYS A 220 13.43 -16.22 -9.65
C LYS A 220 14.76 -15.56 -9.30
N SER A 221 15.02 -15.32 -8.01
CA SER A 221 16.32 -14.80 -7.55
C SER A 221 17.23 -15.95 -7.16
N ARG A 222 18.51 -15.66 -6.88
CA ARG A 222 19.46 -16.73 -6.54
C ARG A 222 19.09 -17.41 -5.23
N ALA A 223 18.56 -16.65 -4.28
CA ALA A 223 18.15 -17.20 -3.01
C ALA A 223 17.03 -18.20 -3.23
N ALA A 224 16.11 -17.85 -4.13
CA ALA A 224 14.91 -18.64 -4.39
C ALA A 224 15.24 -19.93 -5.11
N THR A 225 16.26 -19.89 -5.96
CA THR A 225 16.69 -21.08 -6.71
C THR A 225 17.41 -22.07 -5.79
N ALA A 226 18.03 -21.53 -4.74
CA ALA A 226 18.74 -22.33 -3.75
C ALA A 226 17.81 -23.04 -2.76
N ILE A 227 16.53 -22.68 -2.69
CA ILE A 227 15.59 -23.54 -1.96
C ILE A 227 15.55 -24.92 -2.63
N ASN A 228 15.09 -24.93 -3.90
CA ASN A 228 14.98 -26.13 -4.77
C ASN A 228 14.42 -27.42 -4.15
N TYR A 270 11.79 -29.57 -10.05
CA TYR A 270 12.07 -28.28 -10.76
C TYR A 270 11.84 -27.07 -9.82
N THR A 271 12.55 -27.07 -8.70
CA THR A 271 12.64 -25.93 -7.77
C THR A 271 11.31 -25.35 -7.23
N PHE A 272 11.19 -25.28 -5.90
CA PHE A 272 10.02 -24.70 -5.22
C PHE A 272 9.88 -23.20 -5.47
N ILE A 273 10.37 -22.75 -6.63
CA ILE A 273 10.18 -21.38 -7.12
C ILE A 273 9.60 -21.46 -8.52
N ASP A 274 10.00 -22.48 -9.27
CA ASP A 274 9.41 -22.69 -10.57
C ASP A 274 7.95 -23.10 -10.47
N TYR A 275 7.57 -23.79 -9.40
CA TYR A 275 6.17 -24.04 -9.10
C TYR A 275 5.48 -22.74 -8.73
N ALA A 276 6.03 -22.05 -7.73
CA ALA A 276 5.51 -20.79 -7.24
C ALA A 276 5.16 -19.86 -8.40
N ILE A 277 6.11 -19.66 -9.30
CA ILE A 277 5.89 -18.82 -10.49
C ILE A 277 4.81 -19.40 -11.44
N GLU A 278 4.94 -20.69 -11.75
CA GLU A 278 3.96 -21.38 -12.56
C GLU A 278 2.53 -21.19 -12.04
N TYR A 279 2.34 -21.53 -10.77
CA TYR A 279 1.04 -21.40 -10.10
C TYR A 279 0.52 -19.98 -10.12
N SER A 280 1.36 -19.04 -9.67
CA SER A 280 1.01 -17.61 -9.61
C SER A 280 0.54 -16.99 -10.92
N GLU A 281 1.24 -17.29 -12.02
CA GLU A 281 0.91 -16.77 -13.34
C GLU A 281 -0.36 -17.38 -13.92
N LYS A 282 -0.78 -18.51 -13.34
CA LYS A 282 -1.95 -19.25 -13.79
C LYS A 282 -3.19 -18.90 -12.97
N TYR A 283 -2.98 -18.56 -11.70
CA TYR A 283 -4.06 -18.48 -10.72
C TYR A 283 -4.30 -17.11 -10.12
N ALA A 284 -3.23 -16.35 -9.96
CA ALA A 284 -3.29 -15.00 -9.46
C ALA A 284 -4.30 -14.20 -10.28
N PRO A 285 -5.05 -13.30 -9.63
CA PRO A 285 -5.98 -12.45 -10.35
C PRO A 285 -5.33 -11.77 -11.56
N LEU A 286 -4.04 -11.46 -11.44
CA LEU A 286 -3.34 -10.63 -12.40
C LEU A 286 -2.35 -11.43 -13.27
N ARG A 287 -2.78 -11.70 -14.50
CA ARG A 287 -2.08 -12.59 -15.42
C ARG A 287 -0.67 -12.16 -15.77
N GLN A 288 -0.34 -10.89 -15.53
CA GLN A 288 0.98 -10.38 -15.83
C GLN A 288 2.06 -11.17 -15.07
N LYS A 289 3.29 -11.07 -15.58
CA LYS A 289 4.44 -11.72 -14.98
C LYS A 289 5.08 -10.73 -14.03
N LEU A 290 5.19 -11.12 -12.76
CA LEU A 290 5.72 -10.26 -11.68
C LEU A 290 7.21 -9.94 -11.81
N LEU A 291 7.51 -8.66 -11.96
CA LEU A 291 8.91 -8.23 -12.11
C LEU A 291 9.44 -7.65 -10.80
N SER A 292 10.75 -7.62 -10.66
CA SER A 292 11.40 -7.11 -9.44
C SER A 292 11.06 -5.63 -9.22
N THR A 293 10.99 -4.91 -10.32
CA THR A 293 10.67 -3.51 -10.28
C THR A 293 9.21 -3.30 -9.83
N ASP A 294 8.39 -4.32 -10.00
CA ASP A 294 7.01 -4.24 -9.54
C ASP A 294 7.02 -3.96 -8.06
N ILE A 295 7.91 -4.67 -7.37
CA ILE A 295 8.10 -4.49 -5.95
C ILE A 295 8.84 -3.18 -5.72
N GLY A 296 9.83 -2.90 -6.57
CA GLY A 296 10.61 -1.67 -6.45
C GLY A 296 9.79 -0.40 -6.48
N SER A 297 8.83 -0.32 -7.40
CA SER A 297 7.93 0.82 -7.44
C SER A 297 7.11 0.95 -6.14
N VAL A 298 6.65 -0.18 -5.61
CA VAL A 298 5.93 -0.16 -4.36
C VAL A 298 6.86 0.29 -3.23
N ALA A 299 8.07 -0.26 -3.22
CA ALA A 299 9.09 0.12 -2.23
C ALA A 299 9.34 1.62 -2.27
N SER A 300 9.67 2.13 -3.46
CA SER A 300 9.87 3.55 -3.68
C SER A 300 8.78 4.40 -3.04
N PHE A 301 7.54 3.97 -3.19
CA PHE A 301 6.41 4.75 -2.74
C PHE A 301 6.34 4.77 -1.24
N LEU A 302 6.46 3.59 -0.63
CA LEU A 302 6.34 3.41 0.83
C LEU A 302 7.47 4.15 1.52
N LEU A 303 8.58 4.26 0.79
CA LEU A 303 9.77 4.91 1.27
C LEU A 303 9.72 6.43 1.07
N SER A 304 8.72 6.90 0.33
CA SER A 304 8.61 8.33 0.03
C SER A 304 7.75 9.05 1.06
N ARG A 305 7.64 10.37 0.91
CA ARG A 305 6.72 11.16 1.71
C ARG A 305 5.27 10.89 1.31
N GLU A 306 5.07 10.38 0.10
CA GLU A 306 3.72 10.18 -0.46
C GLU A 306 2.84 9.25 0.36
N SER A 307 3.44 8.60 1.35
CA SER A 307 2.76 7.58 2.13
C SER A 307 2.96 7.85 3.61
N ARG A 308 3.17 9.12 3.94
CA ARG A 308 3.46 9.53 5.30
C ARG A 308 2.47 8.99 6.34
N ALA A 309 1.29 8.53 5.90
CA ALA A 309 0.30 8.04 6.86
C ALA A 309 0.19 6.53 6.95
N ILE A 310 1.11 5.82 6.30
CA ILE A 310 1.17 4.36 6.38
C ILE A 310 2.37 3.84 7.17
N THR A 311 2.09 3.25 8.33
CA THR A 311 3.14 2.59 9.12
C THR A 311 2.68 1.22 9.65
N GLY A 312 3.58 0.28 9.81
CA GLY A 312 3.25 -0.97 10.50
C GLY A 312 2.47 -1.98 9.66
N GLN A 313 2.40 -1.74 8.36
CA GLN A 313 1.58 -2.56 7.49
C GLN A 313 2.35 -3.64 6.72
N THR A 314 1.70 -4.79 6.54
CA THR A 314 2.10 -5.73 5.51
C THR A 314 1.35 -5.36 4.22
N ILE A 315 2.13 -4.99 3.19
CA ILE A 315 1.56 -4.58 1.90
C ILE A 315 1.84 -5.66 0.85
N TYR A 316 0.78 -6.34 0.41
CA TYR A 316 0.93 -7.43 -0.54
C TYR A 316 1.13 -6.92 -1.97
N VAL A 317 2.27 -7.28 -2.55
CA VAL A 317 2.63 -6.92 -3.91
C VAL A 317 2.92 -8.23 -4.59
N ASP A 318 1.84 -8.93 -4.93
CA ASP A 318 1.93 -10.32 -5.33
C ASP A 318 0.92 -10.65 -6.40
N ASN A 319 0.56 -9.65 -7.20
CA ASN A 319 -0.47 -9.79 -8.24
C ASN A 319 -1.82 -10.22 -7.69
N GLY A 320 -2.00 -10.09 -6.37
CA GLY A 320 -3.25 -10.46 -5.72
C GLY A 320 -3.46 -11.95 -5.45
N LEU A 321 -2.45 -12.78 -5.68
CA LEU A 321 -2.57 -14.21 -5.40
C LEU A 321 -3.08 -14.46 -3.99
N ASN A 322 -2.65 -13.62 -3.05
CA ASN A 322 -2.99 -13.79 -1.65
C ASN A 322 -4.49 -13.81 -1.34
N ILE A 323 -5.31 -13.38 -2.29
CA ILE A 323 -6.76 -13.18 -2.01
C ILE A 323 -7.58 -14.44 -2.30
N MET A 324 -6.96 -15.35 -3.05
CA MET A 324 -7.62 -16.54 -3.58
C MET A 324 -7.72 -17.64 -2.54
N PHE A 325 -8.71 -18.49 -2.67
CA PHE A 325 -8.83 -19.60 -1.74
C PHE A 325 -8.42 -20.88 -2.44
N LEU A 326 -9.29 -21.38 -3.31
CA LEU A 326 -8.96 -22.58 -4.08
C LEU A 326 -8.55 -22.17 -5.49
N PRO A 327 -7.76 -23.02 -6.18
CA PRO A 327 -7.65 -22.88 -7.64
C PRO A 327 -9.05 -22.78 -8.29
N ASP A 328 -9.17 -22.00 -9.36
CA ASP A 328 -10.48 -21.73 -9.96
C ASP A 328 -10.86 -22.65 -11.14
N ASP A 329 -10.15 -23.76 -11.29
CA ASP A 329 -10.39 -24.72 -12.39
C ASP A 329 -11.89 -24.98 -12.69
N ILE A 330 -12.69 -25.23 -11.66
CA ILE A 330 -14.16 -25.39 -11.83
C ILE A 330 -14.79 -24.21 -12.55
N TYR A 331 -14.56 -23.00 -12.02
CA TYR A 331 -15.14 -21.78 -12.54
C TYR A 331 -14.78 -21.56 -14.02
N ARG A 332 -13.49 -21.59 -14.32
CA ARG A 332 -13.02 -21.52 -15.71
C ARG A 332 -13.49 -22.74 -16.52
N ASN A 333 -14.70 -22.63 -17.07
CA ASN A 333 -15.31 -23.67 -17.90
C ASN A 333 -16.48 -23.11 -18.71
N GLU B 1 -1.89 11.89 -19.74
CA GLU B 1 -3.29 12.05 -20.25
C GLU B 1 -4.31 11.05 -19.67
N ASP B 2 -4.24 10.80 -18.36
CA ASP B 2 -5.20 9.90 -17.69
C ASP B 2 -6.41 10.71 -17.19
N ILE B 3 -7.56 10.05 -17.16
CA ILE B 3 -8.80 10.64 -16.66
C ILE B 3 -9.30 9.83 -15.47
N CYS B 4 -9.80 10.53 -14.44
CA CYS B 4 -10.44 9.85 -13.30
C CYS B 4 -11.87 10.35 -12.96
N PHE B 5 -12.76 9.42 -12.66
CA PHE B 5 -14.08 9.83 -12.24
C PHE B 5 -14.24 9.66 -10.76
N ILE B 6 -14.46 10.78 -10.07
CA ILE B 6 -14.68 10.73 -8.62
C ILE B 6 -16.16 10.78 -8.24
N ALA B 7 -16.66 9.63 -7.81
CA ALA B 7 -17.98 9.56 -7.22
C ALA B 7 -17.99 9.96 -5.72
N GLY B 8 -18.44 11.17 -5.43
CA GLY B 8 -18.72 11.53 -4.04
C GLY B 8 -17.93 12.69 -3.49
N ILE B 9 -18.14 13.87 -4.07
CA ILE B 9 -17.65 15.11 -3.49
C ILE B 9 -18.86 16.00 -3.26
N GLY B 10 -18.94 16.65 -2.11
CA GLY B 10 -20.02 17.60 -1.85
C GLY B 10 -19.49 18.94 -1.38
N ASP B 11 -18.21 18.95 -1.02
CA ASP B 11 -17.52 20.13 -0.49
C ASP B 11 -16.03 19.83 -0.48
N THR B 12 -15.24 20.65 0.20
CA THR B 12 -13.80 20.52 0.08
C THR B 12 -13.22 19.91 1.35
N ASN B 13 -14.11 19.44 2.23
CA ASN B 13 -13.73 18.93 3.54
C ASN B 13 -13.77 17.42 3.68
N GLY B 14 -14.15 16.75 2.59
CA GLY B 14 -14.20 15.29 2.50
C GLY B 14 -12.92 14.65 1.94
N TYR B 15 -12.96 13.32 1.85
CA TYR B 15 -11.86 12.58 1.23
C TYR B 15 -11.87 12.71 -0.28
N GLY B 16 -13.07 12.78 -0.86
CA GLY B 16 -13.22 13.09 -2.28
C GLY B 16 -12.24 14.17 -2.70
N TRP B 17 -12.41 15.36 -2.12
CA TRP B 17 -11.57 16.49 -2.43
C TRP B 17 -10.07 16.22 -2.25
N GLY B 18 -9.72 15.52 -1.18
CA GLY B 18 -8.33 15.16 -0.93
C GLY B 18 -7.75 14.41 -2.10
N ILE B 19 -8.47 13.36 -2.50
CA ILE B 19 -8.13 12.57 -3.66
C ILE B 19 -8.04 13.46 -4.92
N ALA B 20 -9.06 14.27 -5.15
CA ALA B 20 -9.11 15.09 -6.33
C ALA B 20 -7.84 15.88 -6.39
N LYS B 21 -7.48 16.48 -5.26
CA LYS B 21 -6.33 17.37 -5.18
C LYS B 21 -5.03 16.70 -5.63
N GLU B 22 -4.65 15.61 -4.99
CA GLU B 22 -3.40 14.87 -5.29
C GLU B 22 -3.37 14.33 -6.71
N LEU B 23 -4.53 13.96 -7.23
CA LEU B 23 -4.64 13.54 -8.61
C LEU B 23 -4.28 14.66 -9.59
N SER B 24 -4.77 15.88 -9.34
CA SER B 24 -4.24 17.05 -10.03
C SER B 24 -2.71 17.12 -10.04
N LYS B 25 -2.05 17.00 -8.89
CA LYS B 25 -0.57 17.03 -8.85
C LYS B 25 0.01 16.21 -10.02
N ARG B 26 -0.36 14.94 -10.11
CA ARG B 26 0.12 14.03 -11.16
C ARG B 26 -0.49 14.39 -12.52
N ASN B 27 -1.05 15.59 -12.63
CA ASN B 27 -1.66 16.07 -13.88
C ASN B 27 -2.74 15.20 -14.47
N VAL B 28 -3.46 14.47 -13.64
CA VAL B 28 -4.57 13.69 -14.14
C VAL B 28 -5.87 14.51 -14.12
N LYS B 29 -6.68 14.35 -15.17
CA LYS B 29 -7.92 15.10 -15.37
C LYS B 29 -9.12 14.51 -14.60
N ILE B 30 -9.84 15.38 -13.88
CA ILE B 30 -10.81 14.95 -12.88
C ILE B 30 -12.28 15.20 -13.25
N ILE B 31 -13.10 14.16 -13.23
CA ILE B 31 -14.57 14.30 -13.37
C ILE B 31 -15.34 14.06 -12.04
N PHE B 32 -16.04 15.06 -11.53
CA PHE B 32 -16.78 14.88 -10.29
C PHE B 32 -18.15 14.28 -10.52
N GLY B 33 -18.46 13.24 -9.76
CA GLY B 33 -19.82 12.70 -9.66
C GLY B 33 -20.41 13.21 -8.36
N ILE B 34 -21.51 13.96 -8.47
CA ILE B 34 -22.03 14.74 -7.34
C ILE B 34 -23.49 14.37 -7.05
N TRP B 35 -23.80 14.10 -5.78
CA TRP B 35 -25.14 13.67 -5.36
C TRP B 35 -26.12 14.83 -5.58
N PRO B 36 -27.21 14.59 -6.34
CA PRO B 36 -28.18 15.67 -6.57
C PRO B 36 -28.72 16.46 -5.36
N PRO B 37 -28.92 15.85 -4.19
CA PRO B 37 -29.28 16.76 -3.11
C PRO B 37 -28.28 17.90 -2.85
N VAL B 38 -27.05 17.79 -3.37
CA VAL B 38 -26.06 18.87 -3.21
C VAL B 38 -25.56 19.54 -4.50
N TYR B 39 -25.90 18.98 -5.67
CA TYR B 39 -25.28 19.38 -6.92
C TYR B 39 -25.28 20.88 -7.14
N ASN B 40 -26.47 21.47 -7.15
CA ASN B 40 -26.64 22.89 -7.41
C ASN B 40 -25.86 23.78 -6.45
N ILE B 41 -25.87 23.43 -5.17
CA ILE B 41 -25.11 24.19 -4.18
C ILE B 41 -23.60 24.09 -4.42
N PHE B 42 -23.11 22.89 -4.72
CA PHE B 42 -21.68 22.72 -5.01
C PHE B 42 -21.28 23.55 -6.23
N MET B 43 -22.13 23.51 -7.25
CA MET B 43 -21.96 24.28 -8.47
C MET B 43 -21.83 25.77 -8.18
N LYS B 44 -22.88 26.33 -7.59
CA LYS B 44 -22.94 27.76 -7.26
C LYS B 44 -21.67 28.22 -6.54
N ASN B 45 -21.39 27.62 -5.39
CA ASN B 45 -20.16 27.86 -4.62
C ASN B 45 -18.90 27.91 -5.47
N TYR B 46 -18.80 26.96 -6.41
CA TYR B 46 -17.64 26.82 -7.27
C TYR B 46 -17.50 28.02 -8.17
N LYS B 47 -18.62 28.43 -8.78
CA LYS B 47 -18.67 29.62 -9.62
C LYS B 47 -18.33 30.83 -8.77
N ASN B 48 -18.80 30.85 -7.52
CA ASN B 48 -18.55 31.98 -6.61
C ASN B 48 -17.10 32.10 -6.16
N GLY B 49 -16.32 31.06 -6.41
CA GLY B 49 -14.94 31.03 -5.97
C GLY B 49 -14.75 30.64 -4.52
N LYS B 50 -15.81 30.12 -3.89
CA LYS B 50 -15.75 29.60 -2.51
C LYS B 50 -14.68 28.51 -2.34
N PHE B 51 -14.24 27.92 -3.45
CA PHE B 51 -13.26 26.82 -3.39
C PHE B 51 -11.87 27.22 -3.87
N ASP B 52 -11.73 28.44 -4.37
CA ASP B 52 -10.46 28.91 -4.92
C ASP B 52 -9.29 28.77 -3.93
N ASN B 53 -9.52 29.07 -2.65
CA ASN B 53 -8.53 28.74 -1.60
C ASN B 53 -8.17 27.27 -1.67
N ASP B 54 -9.19 26.43 -1.63
CA ASP B 54 -9.04 24.98 -1.53
C ASP B 54 -8.61 24.28 -2.83
N MET B 55 -8.55 25.03 -3.94
CA MET B 55 -8.05 24.45 -5.20
C MET B 55 -6.56 24.73 -5.40
N ILE B 56 -5.94 25.33 -4.38
CA ILE B 56 -4.52 25.68 -4.46
C ILE B 56 -3.66 24.51 -4.01
N ILE B 57 -2.74 24.10 -4.89
CA ILE B 57 -1.77 23.08 -4.56
C ILE B 57 -0.51 23.74 -3.98
N ASP B 58 0.24 24.46 -4.80
CA ASP B 58 1.48 25.13 -4.36
C ASP B 58 1.94 26.22 -5.36
N LYS B 59 3.07 25.98 -6.05
CA LYS B 59 3.65 26.91 -7.03
C LYS B 59 2.80 26.94 -8.29
N ASP B 60 2.15 28.08 -8.55
CA ASP B 60 1.22 28.27 -9.69
C ASP B 60 0.09 27.23 -9.80
N LYS B 61 0.07 26.28 -8.85
CA LYS B 61 -0.76 25.08 -8.99
C LYS B 61 -2.20 25.22 -8.52
N LYS B 62 -3.08 25.32 -9.51
CA LYS B 62 -4.53 25.30 -9.34
C LYS B 62 -4.97 23.84 -9.49
N MET B 63 -6.27 23.60 -9.66
CA MET B 63 -6.75 22.30 -10.07
C MET B 63 -7.30 22.33 -11.53
N ASN B 64 -7.74 21.19 -12.04
CA ASN B 64 -8.22 21.07 -13.41
C ASN B 64 -9.47 20.19 -13.41
N ILE B 65 -10.57 20.73 -12.86
CA ILE B 65 -11.80 19.94 -12.84
C ILE B 65 -12.33 19.91 -14.24
N LEU B 66 -12.29 18.74 -14.87
CA LEU B 66 -12.72 18.62 -16.26
C LEU B 66 -14.20 18.93 -16.40
N ASP B 67 -14.98 18.32 -15.52
CA ASP B 67 -16.41 18.31 -15.67
C ASP B 67 -17.04 17.94 -14.34
N MET B 68 -18.23 18.48 -14.09
CA MET B 68 -18.92 18.27 -12.84
C MET B 68 -20.31 17.77 -13.13
N LEU B 69 -20.58 16.55 -12.68
CA LEU B 69 -21.76 15.83 -13.08
C LEU B 69 -22.63 15.41 -11.92
N PRO B 70 -23.96 15.59 -12.07
CA PRO B 70 -24.95 15.00 -11.16
C PRO B 70 -24.83 13.48 -11.25
N PHE B 71 -25.05 12.79 -10.14
CA PHE B 71 -24.81 11.33 -10.06
C PHE B 71 -25.34 10.74 -8.76
N ASP B 72 -26.16 9.71 -8.86
CA ASP B 72 -26.71 9.03 -7.68
C ASP B 72 -26.47 7.55 -7.76
N ALA B 73 -25.63 7.07 -6.85
CA ALA B 73 -25.18 5.69 -6.87
C ALA B 73 -26.26 4.70 -6.41
N SER B 74 -27.46 5.21 -6.15
CA SER B 74 -28.58 4.35 -5.77
C SER B 74 -29.16 3.73 -7.02
N PHE B 75 -29.16 4.52 -8.08
CA PHE B 75 -29.80 4.09 -9.31
C PHE B 75 -28.80 3.54 -10.31
N ASP B 76 -29.03 2.31 -10.74
CA ASP B 76 -28.11 1.66 -11.64
C ASP B 76 -28.37 2.16 -13.04
N THR B 77 -29.60 1.96 -13.52
CA THR B 77 -30.02 2.49 -14.81
C THR B 77 -31.20 3.43 -14.62
N ALA B 78 -31.58 4.15 -15.67
CA ALA B 78 -32.71 5.08 -15.58
C ALA B 78 -34.05 4.38 -15.26
N ASN B 79 -34.14 3.10 -15.59
CA ASN B 79 -35.36 2.41 -15.26
C ASN B 79 -35.50 2.20 -13.76
N ASP B 80 -34.48 2.55 -12.99
CA ASP B 80 -34.54 2.39 -11.55
C ASP B 80 -35.21 3.59 -10.89
N ILE B 81 -34.73 4.80 -11.19
CA ILE B 81 -35.30 6.00 -10.62
C ILE B 81 -36.81 5.84 -10.50
N ASP B 82 -37.28 5.85 -9.26
CA ASP B 82 -38.69 5.81 -8.95
C ASP B 82 -39.32 7.16 -9.24
N GLU B 83 -40.63 7.16 -9.37
CA GLU B 83 -41.38 8.36 -9.72
C GLU B 83 -41.17 9.54 -8.76
N GLU B 84 -41.24 9.27 -7.45
CA GLU B 84 -41.08 10.32 -6.44
C GLU B 84 -39.73 11.06 -6.58
N THR B 85 -38.65 10.33 -6.82
CA THR B 85 -37.33 10.94 -7.05
C THR B 85 -37.28 11.63 -8.42
N LYS B 86 -37.74 10.92 -9.46
CA LYS B 86 -37.85 11.48 -10.80
C LYS B 86 -38.48 12.86 -10.73
N ASN B 87 -39.32 13.07 -9.72
CA ASN B 87 -40.03 14.32 -9.54
C ASN B 87 -39.52 15.25 -8.46
N ASN B 88 -38.59 14.78 -7.64
CA ASN B 88 -38.14 15.55 -6.50
C ASN B 88 -37.71 16.97 -6.90
N LYS B 89 -37.92 17.93 -6.00
CA LYS B 89 -37.48 19.30 -6.18
C LYS B 89 -36.01 19.36 -6.57
N ARG B 90 -35.18 18.56 -5.91
CA ARG B 90 -33.74 18.58 -6.16
C ARG B 90 -33.37 17.86 -7.45
N TYR B 91 -34.04 16.73 -7.72
CA TYR B 91 -33.73 15.86 -8.87
C TYR B 91 -34.49 16.25 -10.14
N ASN B 92 -35.62 16.92 -9.95
CA ASN B 92 -36.56 17.28 -11.02
C ASN B 92 -36.03 17.42 -12.45
N MET B 93 -35.05 18.28 -12.64
CA MET B 93 -34.67 18.68 -13.98
C MET B 93 -33.26 18.20 -14.42
N LEU B 94 -32.53 17.59 -13.49
CA LEU B 94 -31.23 17.01 -13.79
C LEU B 94 -31.44 15.69 -14.54
N GLN B 95 -30.57 15.39 -15.50
CA GLN B 95 -30.70 14.16 -16.30
C GLN B 95 -29.46 13.31 -16.12
N ASN B 96 -29.45 12.13 -16.74
CA ASN B 96 -28.27 11.23 -16.83
C ASN B 96 -27.38 11.20 -15.56
N TYR B 97 -28.01 10.78 -14.45
CA TYR B 97 -27.37 10.79 -13.11
C TYR B 97 -27.31 9.39 -12.44
N THR B 98 -27.97 8.40 -13.05
CA THR B 98 -27.77 7.00 -12.66
C THR B 98 -26.36 6.56 -13.04
N ILE B 99 -26.01 5.34 -12.65
CA ILE B 99 -24.67 4.78 -12.90
C ILE B 99 -24.47 4.50 -14.40
N GLU B 100 -25.44 3.82 -15.01
CA GLU B 100 -25.35 3.51 -16.44
C GLU B 100 -25.18 4.81 -17.25
N ASP B 101 -25.96 5.83 -16.90
CA ASP B 101 -26.02 7.06 -17.71
C ASP B 101 -24.74 7.89 -17.70
N VAL B 102 -24.10 8.00 -16.53
CA VAL B 102 -22.85 8.78 -16.37
C VAL B 102 -21.72 8.11 -17.14
N ALA B 103 -21.69 6.78 -17.10
CA ALA B 103 -20.73 6.02 -17.89
C ALA B 103 -20.84 6.48 -19.35
N ASN B 104 -22.05 6.45 -19.89
CA ASN B 104 -22.26 6.88 -21.28
C ASN B 104 -21.85 8.33 -21.48
N LEU B 105 -22.39 9.22 -20.66
CA LEU B 105 -22.09 10.63 -20.73
C LEU B 105 -20.57 10.82 -20.81
N ILE B 106 -19.87 10.31 -19.81
CA ILE B 106 -18.40 10.39 -19.79
C ILE B 106 -17.74 9.83 -21.08
N HIS B 107 -18.06 8.60 -21.45
CA HIS B 107 -17.55 7.99 -22.67
C HIS B 107 -17.82 8.82 -23.92
N GLN B 108 -18.91 9.57 -23.95
CA GLN B 108 -19.23 10.41 -25.11
C GLN B 108 -18.35 11.64 -25.10
N LYS B 109 -18.37 12.41 -24.01
CA LYS B 109 -17.56 13.63 -23.98
C LYS B 109 -16.05 13.36 -24.06
N TYR B 110 -15.59 12.25 -23.49
CA TYR B 110 -14.15 12.06 -23.31
C TYR B 110 -13.60 10.67 -23.66
N GLY B 111 -14.47 9.79 -24.16
CA GLY B 111 -14.03 8.44 -24.47
C GLY B 111 -13.69 7.63 -23.22
N LYS B 112 -12.77 6.68 -23.39
CA LYS B 112 -12.40 5.77 -22.31
C LYS B 112 -11.59 6.52 -21.29
N ILE B 113 -11.68 6.03 -20.05
CA ILE B 113 -10.99 6.62 -18.91
C ILE B 113 -10.24 5.48 -18.23
N ASN B 114 -9.44 5.77 -17.21
CA ASN B 114 -8.65 4.69 -16.64
C ASN B 114 -8.48 4.71 -15.12
N MET B 115 -9.30 5.53 -14.46
CA MET B 115 -9.23 5.70 -13.02
C MET B 115 -10.60 5.97 -12.46
N LEU B 116 -10.99 5.18 -11.48
CA LEU B 116 -12.31 5.27 -10.88
C LEU B 116 -12.20 5.36 -9.38
N VAL B 117 -12.85 6.36 -8.79
CA VAL B 117 -12.78 6.55 -7.36
C VAL B 117 -14.16 6.51 -6.74
N HIS B 118 -14.34 5.56 -5.82
CA HIS B 118 -15.56 5.42 -5.00
C HIS B 118 -15.30 5.99 -3.62
N SER B 119 -15.73 7.23 -3.39
CA SER B 119 -15.59 7.80 -2.04
C SER B 119 -16.93 8.18 -1.44
N LEU B 120 -17.83 7.21 -1.35
CA LEU B 120 -19.18 7.47 -0.83
C LEU B 120 -19.75 6.35 0.04
N ALA B 121 -20.68 6.75 0.88
CA ALA B 121 -21.38 5.88 1.79
C ALA B 121 -22.62 6.63 2.18
N ASN B 122 -23.66 5.88 2.50
CA ASN B 122 -24.88 6.45 3.06
C ASN B 122 -25.61 5.38 3.82
N ALA B 123 -26.23 5.76 4.93
CA ALA B 123 -26.98 4.79 5.74
C ALA B 123 -28.01 5.52 6.59
N LYS B 124 -29.27 5.19 6.38
CA LYS B 124 -30.35 5.89 7.05
C LYS B 124 -30.28 5.78 8.58
N GLU B 125 -30.22 4.56 9.09
CA GLU B 125 -30.21 4.36 10.53
C GLU B 125 -28.82 4.34 11.18
N VAL B 126 -27.90 5.14 10.66
CA VAL B 126 -26.54 5.15 11.16
C VAL B 126 -26.51 5.39 12.66
N GLN B 127 -27.40 6.26 13.15
CA GLN B 127 -27.42 6.64 14.58
C GLN B 127 -27.99 5.54 15.49
N LYS B 128 -28.74 4.61 14.90
CA LYS B 128 -29.17 3.41 15.61
C LYS B 128 -28.02 2.37 15.68
N ASP B 129 -27.78 1.82 16.86
CA ASP B 129 -26.84 0.71 16.99
C ASP B 129 -27.38 -0.53 16.25
N LEU B 130 -26.47 -1.36 15.73
CA LEU B 130 -26.81 -2.47 14.83
C LEU B 130 -28.03 -3.31 15.30
N LEU B 131 -27.95 -3.88 16.51
CA LEU B 131 -29.06 -4.63 17.11
C LEU B 131 -30.45 -3.98 16.96
N ASN B 132 -30.50 -2.65 16.99
CA ASN B 132 -31.77 -1.90 16.83
C ASN B 132 -31.93 -1.23 15.44
N THR B 133 -31.32 -1.83 14.42
CA THR B 133 -31.43 -1.38 13.04
C THR B 133 -32.50 -2.15 12.31
N SER B 134 -33.34 -1.44 11.58
CA SER B 134 -34.37 -2.08 10.80
C SER B 134 -33.74 -2.81 9.65
N ARG B 135 -34.46 -3.80 9.15
CA ARG B 135 -34.08 -4.47 7.92
C ARG B 135 -33.97 -3.46 6.78
N LYS B 136 -34.96 -2.58 6.67
CA LYS B 136 -35.09 -1.69 5.52
C LYS B 136 -33.97 -0.64 5.55
N GLY B 137 -33.48 -0.37 6.75
CA GLY B 137 -32.37 0.56 6.96
C GLY B 137 -31.04 -0.09 6.61
N TYR B 138 -30.84 -1.32 7.07
CA TYR B 138 -29.61 -2.11 6.85
C TYR B 138 -29.40 -2.33 5.35
N LEU B 139 -30.41 -2.90 4.70
CA LEU B 139 -30.32 -3.14 3.29
C LEU B 139 -30.09 -1.82 2.55
N ASP B 140 -30.58 -0.71 3.12
CA ASP B 140 -30.33 0.59 2.52
C ASP B 140 -28.86 0.90 2.65
N ALA B 141 -28.33 0.73 3.87
CA ALA B 141 -26.93 1.01 4.17
C ALA B 141 -26.02 0.26 3.20
N LEU B 142 -26.32 -1.02 2.98
CA LEU B 142 -25.52 -1.82 2.04
C LEU B 142 -25.72 -1.48 0.57
N SER B 143 -26.94 -1.12 0.21
CA SER B 143 -27.21 -0.68 -1.16
C SER B 143 -26.34 0.50 -1.52
N LYS B 144 -26.32 1.51 -0.65
CA LYS B 144 -25.74 2.81 -0.99
C LYS B 144 -24.23 2.87 -0.91
N SER B 145 -23.63 1.96 -0.13
CA SER B 145 -22.19 2.05 0.12
C SER B 145 -21.38 0.82 -0.17
N SER B 146 -22.06 -0.31 -0.39
CA SER B 146 -21.37 -1.55 -0.75
C SER B 146 -21.63 -1.85 -2.20
N TYR B 147 -22.90 -1.93 -2.56
CA TYR B 147 -23.29 -2.28 -3.91
C TYR B 147 -22.94 -1.19 -4.93
N SER B 148 -23.07 0.06 -4.53
CA SER B 148 -22.79 1.16 -5.42
C SER B 148 -21.44 0.88 -6.08
N LEU B 149 -20.56 0.17 -5.37
CA LEU B 149 -19.26 -0.20 -5.90
C LEU B 149 -19.36 -1.25 -6.99
N ILE B 150 -19.85 -2.41 -6.60
CA ILE B 150 -20.07 -3.47 -7.56
C ILE B 150 -20.71 -2.93 -8.85
N SER B 151 -21.73 -2.08 -8.71
CA SER B 151 -22.45 -1.59 -9.87
C SER B 151 -21.66 -0.53 -10.65
N LEU B 152 -21.02 0.40 -9.93
CA LEU B 152 -20.09 1.33 -10.57
C LEU B 152 -19.16 0.52 -11.46
N CYS B 153 -18.81 -0.68 -10.97
CA CYS B 153 -17.80 -1.47 -11.60
C CYS B 153 -18.36 -2.07 -12.87
N LYS B 154 -19.51 -2.75 -12.78
CA LYS B 154 -20.08 -3.37 -13.97
C LYS B 154 -20.10 -2.40 -15.15
N TYR B 155 -20.59 -1.19 -14.85
CA TYR B 155 -20.85 -0.20 -15.86
C TYR B 155 -19.61 0.55 -16.32
N PHE B 156 -18.82 1.02 -15.36
CA PHE B 156 -17.61 1.73 -15.71
C PHE B 156 -16.54 0.88 -16.36
N VAL B 157 -16.63 -0.43 -16.17
CA VAL B 157 -15.64 -1.33 -16.76
C VAL B 157 -15.50 -1.14 -18.30
N ASN B 158 -16.61 -0.86 -18.99
CA ASN B 158 -16.58 -0.70 -20.46
C ASN B 158 -16.16 0.66 -20.98
N ILE B 159 -15.91 1.60 -20.10
CA ILE B 159 -15.44 2.88 -20.54
C ILE B 159 -14.04 3.04 -19.99
N MET B 160 -13.45 1.90 -19.63
CA MET B 160 -12.09 1.86 -19.09
C MET B 160 -11.10 1.02 -19.91
N LYS B 161 -9.91 1.59 -20.14
CA LYS B 161 -8.84 0.87 -20.83
C LYS B 161 -8.34 -0.31 -19.96
N PRO B 162 -7.74 -1.35 -20.57
CA PRO B 162 -7.11 -2.33 -19.68
C PRO B 162 -5.96 -1.65 -18.95
N GLN B 163 -5.64 -2.14 -17.75
CA GLN B 163 -4.69 -1.51 -16.81
C GLN B 163 -5.21 -0.30 -16.02
N SER B 164 -6.47 0.06 -16.25
CA SER B 164 -7.13 1.02 -15.41
C SER B 164 -7.15 0.45 -13.98
N SER B 165 -7.36 1.33 -13.00
CA SER B 165 -7.35 0.97 -11.57
C SER B 165 -8.52 1.62 -10.84
N ILE B 166 -9.08 0.91 -9.87
CA ILE B 166 -10.24 1.38 -9.10
C ILE B 166 -9.97 1.34 -7.59
N ILE B 167 -10.42 2.38 -6.87
CA ILE B 167 -10.37 2.39 -5.40
C ILE B 167 -11.67 2.81 -4.72
N SER B 168 -11.74 2.53 -3.42
CA SER B 168 -12.86 2.86 -2.57
C SER B 168 -12.31 3.13 -1.17
N LEU B 169 -13.12 3.77 -0.33
CA LEU B 169 -12.70 4.13 1.02
C LEU B 169 -13.47 3.37 2.07
N THR B 170 -12.73 2.63 2.89
CA THR B 170 -13.38 1.83 3.92
C THR B 170 -13.02 2.29 5.31
N TYR B 171 -13.62 1.64 6.31
CA TYR B 171 -13.28 1.96 7.67
C TYR B 171 -13.01 0.72 8.52
N HIS B 172 -12.06 0.87 9.44
CA HIS B 172 -11.63 -0.24 10.28
C HIS B 172 -12.73 -0.90 11.11
N ALA B 173 -13.85 -0.21 11.33
CA ALA B 173 -14.99 -0.77 12.07
C ALA B 173 -15.54 -2.06 11.47
N SER B 174 -15.09 -2.39 10.27
CA SER B 174 -15.46 -3.62 9.62
C SER B 174 -14.73 -4.79 10.28
N GLN B 175 -13.46 -4.57 10.61
CA GLN B 175 -12.61 -5.62 11.22
C GLN B 175 -12.69 -5.72 12.76
N LYS B 176 -12.62 -4.56 13.43
CA LYS B 176 -12.74 -4.51 14.88
C LYS B 176 -13.90 -3.61 15.25
N VAL B 177 -14.63 -3.92 16.32
CA VAL B 177 -15.85 -3.14 16.58
C VAL B 177 -15.56 -1.74 17.14
N VAL B 178 -16.19 -0.72 16.54
CA VAL B 178 -16.25 0.59 17.16
C VAL B 178 -17.71 0.93 17.25
N PRO B 179 -18.23 1.00 18.49
CA PRO B 179 -19.67 1.19 18.70
C PRO B 179 -20.10 2.58 18.26
N GLY B 180 -21.34 2.66 17.77
CA GLY B 180 -21.92 3.91 17.32
C GLY B 180 -21.54 4.19 15.89
N TYR B 181 -20.89 3.22 15.26
CA TYR B 181 -20.78 3.19 13.82
C TYR B 181 -21.80 2.14 13.39
N GLY B 182 -23.07 2.49 13.53
CA GLY B 182 -24.15 1.54 13.26
C GLY B 182 -25.07 1.78 12.07
N GLY B 183 -26.28 1.25 12.22
CA GLY B 183 -27.30 1.21 11.17
C GLY B 183 -26.88 0.59 9.85
N GLY B 184 -26.01 -0.43 9.92
CA GLY B 184 -25.53 -1.13 8.74
C GLY B 184 -24.09 -0.80 8.34
N MET B 185 -23.59 0.36 8.75
CA MET B 185 -22.32 0.88 8.23
C MET B 185 -21.13 -0.09 8.40
N SER B 186 -21.10 -0.82 9.51
CA SER B 186 -19.99 -1.70 9.78
C SER B 186 -20.10 -2.97 8.92
N SER B 187 -21.34 -3.44 8.74
CA SER B 187 -21.63 -4.53 7.84
C SER B 187 -21.26 -4.14 6.42
N ALA B 188 -21.71 -2.95 5.99
CA ALA B 188 -21.45 -2.42 4.66
C ALA B 188 -19.97 -2.32 4.30
N LYS B 189 -19.15 -1.78 5.21
CA LYS B 189 -17.70 -1.71 5.01
C LYS B 189 -17.08 -3.12 5.01
N ALA B 190 -17.62 -4.01 5.84
CA ALA B 190 -17.17 -5.39 5.87
C ALA B 190 -17.42 -6.04 4.53
N ALA B 191 -18.61 -5.83 3.96
CA ALA B 191 -18.92 -6.42 2.66
C ALA B 191 -18.09 -5.78 1.57
N LEU B 192 -17.99 -4.45 1.58
CA LEU B 192 -17.17 -3.72 0.62
C LEU B 192 -15.74 -4.27 0.59
N GLU B 193 -15.22 -4.71 1.73
CA GLU B 193 -13.83 -5.19 1.76
C GLU B 193 -13.67 -6.59 1.21
N SER B 194 -14.76 -7.33 1.25
CA SER B 194 -14.80 -8.65 0.69
C SER B 194 -15.04 -8.52 -0.83
N ASP B 195 -15.92 -7.60 -1.22
CA ASP B 195 -16.20 -7.43 -2.64
C ASP B 195 -14.96 -6.92 -3.35
N THR B 196 -14.16 -6.10 -2.66
CA THR B 196 -12.89 -5.63 -3.21
C THR B 196 -12.05 -6.81 -3.68
N ARG B 197 -11.98 -7.87 -2.87
CA ARG B 197 -11.30 -9.12 -3.25
C ARG B 197 -11.90 -9.79 -4.48
N VAL B 198 -13.14 -10.28 -4.37
CA VAL B 198 -13.89 -10.89 -5.52
C VAL B 198 -13.87 -10.09 -6.84
N LEU B 199 -14.16 -8.79 -6.77
CA LEU B 199 -14.07 -7.93 -7.94
C LEU B 199 -12.66 -7.91 -8.49
N ALA B 200 -11.67 -7.80 -7.61
CA ALA B 200 -10.27 -7.85 -8.06
C ALA B 200 -10.07 -9.12 -8.87
N TYR B 201 -10.70 -10.21 -8.45
CA TYR B 201 -10.51 -11.46 -9.12
C TYR B 201 -11.05 -11.40 -10.53
N HIS B 202 -12.34 -11.05 -10.67
CA HIS B 202 -12.96 -10.99 -11.98
C HIS B 202 -12.33 -9.91 -12.86
N LEU B 203 -12.13 -8.71 -12.33
CA LEU B 203 -11.67 -7.60 -13.17
C LEU B 203 -10.25 -7.82 -13.59
N GLY B 204 -9.47 -8.43 -12.71
CA GLY B 204 -8.10 -8.77 -13.01
C GLY B 204 -8.02 -9.70 -14.19
N ARG B 205 -8.63 -10.88 -14.07
CA ARG B 205 -8.57 -11.91 -15.12
C ARG B 205 -9.20 -11.44 -16.44
N ASN B 206 -10.37 -10.82 -16.34
CA ASN B 206 -11.18 -10.49 -17.50
C ASN B 206 -10.81 -9.20 -18.22
N TYR B 207 -10.35 -8.18 -17.49
CA TYR B 207 -10.18 -6.84 -18.05
C TYR B 207 -8.79 -6.24 -17.81
N ASN B 208 -7.95 -6.96 -17.07
CA ASN B 208 -6.65 -6.45 -16.64
C ASN B 208 -6.81 -5.11 -15.86
N ILE B 209 -7.89 -4.99 -15.10
CA ILE B 209 -8.16 -3.78 -14.30
C ILE B 209 -8.02 -4.13 -12.84
N ARG B 210 -7.48 -3.21 -12.06
CA ARG B 210 -7.28 -3.45 -10.62
C ARG B 210 -8.33 -2.74 -9.73
N ILE B 211 -8.59 -3.29 -8.55
CA ILE B 211 -9.43 -2.61 -7.57
C ILE B 211 -8.83 -2.80 -6.17
N ASN B 212 -8.78 -1.72 -5.39
CA ASN B 212 -8.35 -1.81 -4.00
C ASN B 212 -9.26 -0.95 -3.11
N THR B 213 -9.12 -1.08 -1.78
CA THR B 213 -9.83 -0.18 -0.86
C THR B 213 -8.91 0.40 0.22
N ILE B 214 -9.12 1.69 0.54
CA ILE B 214 -8.31 2.37 1.53
C ILE B 214 -9.02 2.49 2.87
N SER B 215 -8.52 1.81 3.89
CA SER B 215 -9.08 1.95 5.22
C SER B 215 -8.56 3.27 5.77
N ALA B 216 -9.39 4.29 5.62
CA ALA B 216 -9.07 5.66 6.03
C ALA B 216 -9.17 5.84 7.52
N GLY B 217 -8.35 6.72 8.07
CA GLY B 217 -8.49 7.14 9.45
C GLY B 217 -9.51 8.26 9.56
N PRO B 218 -9.65 8.85 10.75
CA PRO B 218 -10.73 9.81 11.00
C PRO B 218 -10.44 11.21 10.44
N LEU B 219 -11.38 11.74 9.67
CA LEU B 219 -11.27 13.08 9.09
C LEU B 219 -12.55 13.84 9.36
N LYS B 220 -12.45 15.15 9.59
CA LYS B 220 -13.68 15.91 9.94
C LYS B 220 -14.52 16.31 8.71
N SER B 221 -15.13 15.32 8.09
CA SER B 221 -15.94 15.58 6.91
C SER B 221 -17.35 16.00 7.27
N ARG B 222 -18.11 16.42 6.27
CA ARG B 222 -19.51 16.77 6.48
C ARG B 222 -20.21 15.56 7.09
N ALA B 223 -20.12 14.42 6.42
CA ALA B 223 -20.80 13.21 6.86
C ALA B 223 -20.35 12.71 8.23
N ALA B 224 -19.05 12.79 8.51
CA ALA B 224 -18.50 12.38 9.80
C ALA B 224 -19.17 13.10 10.96
N THR B 225 -19.36 14.40 10.78
CA THR B 225 -20.01 15.25 11.75
C THR B 225 -21.47 14.87 11.91
N ALA B 226 -22.13 14.60 10.78
CA ALA B 226 -23.55 14.20 10.73
C ALA B 226 -23.85 13.02 11.66
N ILE B 227 -22.93 12.04 11.71
CA ILE B 227 -22.90 11.03 12.77
C ILE B 227 -22.87 11.71 14.15
N ASN B 228 -24.04 11.74 14.80
CA ASN B 228 -24.12 12.12 16.20
C ASN B 228 -23.82 10.91 17.11
N TYR B 270 -19.42 18.54 20.47
CA TYR B 270 -18.31 17.60 20.12
C TYR B 270 -18.84 16.16 19.96
N THR B 271 -18.65 15.58 18.77
CA THR B 271 -19.32 14.34 18.39
C THR B 271 -18.39 13.12 18.42
N PHE B 272 -18.80 12.02 17.80
CA PHE B 272 -17.99 10.81 17.68
C PHE B 272 -16.68 11.03 16.95
N ILE B 273 -16.69 11.90 15.95
CA ILE B 273 -15.48 12.16 15.13
C ILE B 273 -14.43 13.07 15.76
N ASP B 274 -14.82 13.90 16.72
CA ASP B 274 -13.85 14.71 17.46
C ASP B 274 -13.10 13.84 18.45
N TYR B 275 -13.81 12.85 18.98
CA TYR B 275 -13.23 11.88 19.86
C TYR B 275 -12.31 11.01 19.04
N ALA B 276 -12.85 10.44 17.96
CA ALA B 276 -12.07 9.65 16.98
C ALA B 276 -10.72 10.30 16.60
N ILE B 277 -10.76 11.60 16.29
CA ILE B 277 -9.54 12.36 15.97
C ILE B 277 -8.63 12.49 17.18
N GLU B 278 -9.16 13.01 18.29
CA GLU B 278 -8.40 13.12 19.55
C GLU B 278 -7.70 11.83 19.90
N TYR B 279 -8.48 10.76 19.90
CA TYR B 279 -7.93 9.46 20.23
C TYR B 279 -6.78 9.08 19.31
N SER B 280 -6.99 9.26 17.99
CA SER B 280 -6.01 8.89 16.99
C SER B 280 -4.75 9.73 17.08
N GLU B 281 -4.93 11.05 17.24
CA GLU B 281 -3.78 11.95 17.37
C GLU B 281 -3.01 11.66 18.66
N LYS B 282 -3.70 11.11 19.66
CA LYS B 282 -3.08 10.74 20.93
C LYS B 282 -2.47 9.34 20.96
N TYR B 283 -3.03 8.39 20.20
CA TYR B 283 -2.62 6.99 20.37
C TYR B 283 -2.01 6.28 19.19
N ALA B 284 -2.11 6.85 18.00
CA ALA B 284 -1.55 6.22 16.83
C ALA B 284 -0.03 6.28 16.90
N PRO B 285 0.66 5.28 16.31
CA PRO B 285 2.12 5.35 16.27
C PRO B 285 2.63 6.67 15.63
N LEU B 286 1.98 7.12 14.55
CA LEU B 286 2.30 8.41 13.92
C LEU B 286 1.45 9.54 14.46
N ARG B 287 2.09 10.43 15.19
CA ARG B 287 1.30 11.37 15.98
C ARG B 287 0.86 12.62 15.23
N GLN B 288 1.34 12.81 14.01
CA GLN B 288 0.92 13.94 13.17
C GLN B 288 -0.60 13.94 12.90
N LYS B 289 -1.14 15.11 12.56
CA LYS B 289 -2.56 15.26 12.20
C LYS B 289 -2.83 14.54 10.87
N LEU B 290 -3.99 13.93 10.71
CA LEU B 290 -4.30 13.19 9.47
C LEU B 290 -5.12 13.97 8.46
N LEU B 291 -4.48 14.30 7.34
CA LEU B 291 -5.09 15.10 6.27
C LEU B 291 -5.74 14.24 5.20
N SER B 292 -6.77 14.77 4.52
CA SER B 292 -7.37 14.07 3.38
C SER B 292 -6.38 13.85 2.23
N THR B 293 -5.46 14.80 2.05
CA THR B 293 -4.40 14.60 1.07
C THR B 293 -3.49 13.42 1.40
N ASP B 294 -3.40 13.02 2.67
CA ASP B 294 -2.62 11.84 3.05
C ASP B 294 -3.19 10.57 2.45
N ILE B 295 -4.51 10.45 2.49
CA ILE B 295 -5.22 9.43 1.75
C ILE B 295 -5.12 9.71 0.24
N GLY B 296 -5.32 10.98 -0.14
CA GLY B 296 -5.21 11.42 -1.53
C GLY B 296 -3.97 10.94 -2.27
N SER B 297 -2.83 11.07 -1.61
CA SER B 297 -1.56 10.68 -2.22
C SER B 297 -1.42 9.16 -2.29
N VAL B 298 -1.95 8.48 -1.28
CA VAL B 298 -2.01 7.01 -1.31
C VAL B 298 -2.98 6.56 -2.41
N ALA B 299 -4.06 7.32 -2.61
CA ALA B 299 -5.06 6.97 -3.62
C ALA B 299 -4.44 7.07 -5.00
N SER B 300 -3.86 8.23 -5.28
CA SER B 300 -3.19 8.47 -6.54
C SER B 300 -2.21 7.34 -6.89
N PHE B 301 -1.49 6.87 -5.87
CA PHE B 301 -0.49 5.83 -6.08
C PHE B 301 -1.17 4.53 -6.52
N LEU B 302 -2.20 4.10 -5.77
CA LEU B 302 -2.91 2.87 -6.13
C LEU B 302 -3.45 3.00 -7.55
N LEU B 303 -3.94 4.19 -7.88
CA LEU B 303 -4.56 4.43 -9.18
C LEU B 303 -3.54 4.40 -10.34
N SER B 304 -2.31 4.81 -10.06
CA SER B 304 -1.28 4.87 -11.06
C SER B 304 -0.71 3.49 -11.37
N ARG B 305 0.13 3.43 -12.42
CA ARG B 305 0.85 2.21 -12.82
C ARG B 305 1.82 1.69 -11.76
N GLU B 306 2.30 2.58 -10.88
CA GLU B 306 3.31 2.22 -9.88
C GLU B 306 2.87 1.05 -8.96
N SER B 307 1.57 0.83 -8.88
CA SER B 307 1.03 -0.13 -7.96
C SER B 307 0.39 -1.27 -8.72
N ARG B 308 0.82 -1.45 -9.97
CA ARG B 308 0.25 -2.49 -10.86
C ARG B 308 0.25 -3.91 -10.24
N ALA B 309 1.07 -4.16 -9.24
CA ALA B 309 1.12 -5.49 -8.63
C ALA B 309 0.29 -5.63 -7.35
N ILE B 310 -0.45 -4.57 -7.00
CA ILE B 310 -1.39 -4.57 -5.88
C ILE B 310 -2.85 -4.63 -6.40
N THR B 311 -3.61 -5.62 -5.94
CA THR B 311 -5.05 -5.66 -6.20
C THR B 311 -5.85 -6.42 -5.10
N GLY B 312 -7.09 -6.01 -4.86
CA GLY B 312 -7.94 -6.70 -3.87
C GLY B 312 -7.61 -6.43 -2.42
N GLN B 313 -6.75 -5.43 -2.19
CA GLN B 313 -6.22 -5.15 -0.88
C GLN B 313 -6.91 -4.04 -0.16
N THR B 314 -7.04 -4.27 1.15
CA THR B 314 -7.30 -3.22 2.09
C THR B 314 -5.96 -2.62 2.54
N ILE B 315 -5.71 -1.37 2.16
CA ILE B 315 -4.52 -0.65 2.58
C ILE B 315 -4.99 0.37 3.62
N TYR B 316 -4.49 0.27 4.85
CA TYR B 316 -4.86 1.23 5.89
C TYR B 316 -3.99 2.49 5.80
N VAL B 317 -4.64 3.65 5.71
CA VAL B 317 -3.94 4.93 5.68
C VAL B 317 -4.50 5.72 6.85
N ASP B 318 -3.84 5.59 8.00
CA ASP B 318 -4.52 5.95 9.24
C ASP B 318 -3.55 6.25 10.35
N ASN B 319 -2.33 6.65 9.97
CA ASN B 319 -1.24 6.90 10.90
C ASN B 319 -0.94 5.66 11.72
N GLY B 320 -1.32 4.50 11.19
CA GLY B 320 -1.12 3.20 11.84
C GLY B 320 -1.95 2.90 13.10
N LEU B 321 -3.06 3.58 13.32
CA LEU B 321 -3.89 3.26 14.50
C LEU B 321 -4.26 1.76 14.58
N ASN B 322 -4.60 1.18 13.43
CA ASN B 322 -5.10 -0.20 13.38
C ASN B 322 -4.16 -1.21 13.99
N ILE B 323 -2.89 -0.83 14.16
CA ILE B 323 -1.93 -1.82 14.59
C ILE B 323 -1.94 -1.92 16.11
N MET B 324 -2.61 -0.98 16.77
CA MET B 324 -2.64 -0.92 18.24
C MET B 324 -3.64 -1.89 18.85
N PHE B 325 -3.34 -2.42 20.04
CA PHE B 325 -4.32 -3.21 20.77
C PHE B 325 -4.90 -2.43 21.90
N LEU B 326 -4.02 -1.83 22.70
CA LEU B 326 -4.40 -1.11 23.90
C LEU B 326 -3.87 0.31 23.84
N PRO B 327 -4.55 1.24 24.54
CA PRO B 327 -3.92 2.52 24.83
C PRO B 327 -2.65 2.25 25.59
N ASP B 328 -1.59 3.00 25.30
CA ASP B 328 -0.35 2.87 26.06
C ASP B 328 -0.32 3.95 27.12
N ASP B 329 -1.14 3.80 28.16
CA ASP B 329 -1.19 4.82 29.20
C ASP B 329 -0.21 4.60 30.32
N ILE B 330 -0.34 3.47 31.01
CA ILE B 330 0.58 3.15 32.09
C ILE B 330 1.94 2.68 31.55
N TYR B 331 2.07 2.57 30.24
CA TYR B 331 3.39 2.35 29.63
C TYR B 331 4.19 3.64 29.36
N ARG B 332 3.48 4.72 28.96
CA ARG B 332 4.09 6.04 28.88
C ARG B 332 4.34 6.66 30.28
N ASN B 333 4.05 5.87 31.32
CA ASN B 333 4.30 6.20 32.74
C ASN B 333 3.75 7.53 33.19
#